data_3GLU
#
_entry.id   3GLU
#
_cell.length_a   77.497
_cell.length_b   129.460
_cell.length_c   78.600
_cell.angle_alpha   90.00
_cell.angle_beta   90.00
_cell.angle_gamma   90.00
#
_symmetry.space_group_name_H-M   'C 2 2 21'
#
loop_
_entity.id
_entity.type
_entity.pdbx_description
1 polymer 'NAD-dependent deacetylase sirtuin-3, mitochondrial'
2 polymer 'Acetyl-coenzyme A synthetase 2-like, mitochondrial'
3 non-polymer 'SULFATE ION'
4 non-polymer 'ZINC ION'
5 water water
#
loop_
_entity_poly.entity_id
_entity_poly.type
_entity_poly.pdbx_seq_one_letter_code
_entity_poly.pdbx_strand_id
1 'polypeptide(L)'
;SNASDKGKLSLQDVAELIRARACQRVVVMVGAGISTPSGIPDFRSPGSGLYSNLQQYDLPYPEAIFELPFFFHNPKPFFT
LAKELYPGNYKPNVTHYFLRLLHDKGLLLRLYTQNIDGLERVSGIPASKLVEAHGTFASATCTVCQRPFPGEDIRADVMA
DRVPRCPVCTGVVKPDIVFFGEPLPQRFLLHVVDFPMADLLLILGTSLEVEPFASLTEAVRSSVPRLLINRDLVGPLAWH
PRSRDVAQLGDVVHGVESLVELLGWTEEMRDLVQRETGKLDGPDK
;
A
2 'polypeptide(L)' TRSGKVMRRLLR B
#
loop_
_chem_comp.id
_chem_comp.type
_chem_comp.name
_chem_comp.formula
SO4 non-polymer 'SULFATE ION' 'O4 S -2'
ZN non-polymer 'ZINC ION' 'Zn 2'
#
# COMPACT_ATOMS: atom_id res chain seq x y z
N GLY A 7 -20.24 -5.49 -24.49
CA GLY A 7 -18.87 -6.05 -24.75
C GLY A 7 -17.75 -5.38 -23.95
N LYS A 8 -16.63 -6.09 -23.82
CA LYS A 8 -15.48 -5.64 -23.03
C LYS A 8 -14.90 -4.21 -23.30
N LEU A 9 -14.93 -3.37 -22.27
CA LEU A 9 -14.28 -2.05 -22.25
C LEU A 9 -12.78 -2.20 -22.50
N SER A 10 -12.14 -1.13 -22.96
CA SER A 10 -10.67 -1.09 -23.05
C SER A 10 -10.09 0.01 -22.12
N LEU A 11 -8.78 -0.04 -21.89
CA LEU A 11 -8.09 1.02 -21.13
C LEU A 11 -8.58 2.35 -21.64
N GLN A 12 -8.52 2.52 -22.96
CA GLN A 12 -8.90 3.73 -23.60
C GLN A 12 -10.33 4.17 -23.26
N ASP A 13 -11.24 3.20 -23.14
CA ASP A 13 -12.62 3.48 -22.80
C ASP A 13 -12.73 4.01 -21.41
N VAL A 14 -12.09 3.31 -20.49
CA VAL A 14 -11.97 3.85 -19.13
C VAL A 14 -11.40 5.27 -19.10
N ALA A 15 -10.32 5.52 -19.82
CA ALA A 15 -9.82 6.88 -19.95
C ALA A 15 -10.94 7.81 -20.39
N GLU A 16 -11.70 7.38 -21.40
CA GLU A 16 -12.81 8.22 -21.88
C GLU A 16 -13.91 8.51 -20.85
N LEU A 17 -14.37 7.47 -20.12
CA LEU A 17 -15.28 7.68 -18.99
C LEU A 17 -14.77 8.74 -18.01
N ILE A 18 -13.49 8.73 -17.68
CA ILE A 18 -13.04 9.70 -16.73
C ILE A 18 -13.05 11.06 -17.37
N ARG A 19 -12.55 11.15 -18.59
CA ARG A 19 -12.54 12.41 -19.29
C ARG A 19 -13.97 12.98 -19.51
N ALA A 20 -14.94 12.17 -19.92
CA ALA A 20 -16.31 12.67 -20.13
C ALA A 20 -17.00 13.00 -18.81
N ARG A 21 -16.26 12.86 -17.72
CA ARG A 21 -16.79 12.97 -16.35
C ARG A 21 -17.99 12.11 -16.11
N ALA A 22 -17.98 10.90 -16.68
CA ALA A 22 -18.97 9.91 -16.32
C ALA A 22 -18.60 9.19 -15.03
N CYS A 23 -17.34 9.27 -14.59
CA CYS A 23 -16.87 8.74 -13.28
C CYS A 23 -16.30 9.89 -12.52
N GLN A 24 -16.61 9.97 -11.25
CA GLN A 24 -16.10 11.07 -10.48
C GLN A 24 -15.76 10.60 -9.11
N ARG A 25 -15.95 9.31 -8.85
CA ARG A 25 -15.81 8.76 -7.51
C ARG A 25 -14.98 7.46 -7.54
N VAL A 26 -13.64 7.60 -7.61
CA VAL A 26 -12.75 6.47 -7.80
C VAL A 26 -12.23 5.96 -6.47
N VAL A 27 -12.43 4.67 -6.21
CA VAL A 27 -11.76 3.98 -5.09
C VAL A 27 -10.55 3.17 -5.62
N VAL A 28 -9.42 3.28 -4.96
CA VAL A 28 -8.21 2.63 -5.45
C VAL A 28 -7.71 1.61 -4.44
N MET A 29 -7.26 0.45 -4.89
CA MET A 29 -6.67 -0.51 -3.96
C MET A 29 -5.27 -0.79 -4.49
N VAL A 30 -4.24 -0.68 -3.62
CA VAL A 30 -2.85 -0.91 -4.02
C VAL A 30 -2.07 -1.92 -3.18
N GLY A 31 -1.10 -2.60 -3.81
CA GLY A 31 -0.17 -3.51 -3.15
C GLY A 31 1.32 -3.19 -3.41
N ALA A 32 2.16 -4.17 -3.06
CA ALA A 32 3.60 -4.09 -3.10
C ALA A 32 4.06 -3.82 -4.51
N GLY A 33 3.27 -4.22 -5.49
CA GLY A 33 3.65 -3.97 -6.87
C GLY A 33 3.84 -2.50 -7.18
N ILE A 34 3.19 -1.56 -6.46
CA ILE A 34 3.42 -0.15 -6.81
C ILE A 34 4.65 0.41 -6.15
N SER A 35 5.24 -0.29 -5.18
CA SER A 35 6.44 0.24 -4.53
C SER A 35 7.79 -0.30 -5.02
N THR A 36 7.75 -1.37 -5.78
CA THR A 36 8.98 -1.91 -6.33
C THR A 36 9.80 -0.87 -7.08
N PRO A 37 9.15 -0.02 -7.86
CA PRO A 37 9.97 0.90 -8.62
C PRO A 37 10.62 1.97 -7.77
N SER A 38 10.27 2.12 -6.50
CA SER A 38 11.00 3.07 -5.63
C SER A 38 12.23 2.36 -5.07
N GLY A 39 12.37 1.08 -5.41
CA GLY A 39 13.55 0.29 -5.03
C GLY A 39 13.35 -0.41 -3.69
N ILE A 40 12.09 -0.58 -3.27
CA ILE A 40 11.87 -1.23 -2.02
C ILE A 40 11.99 -2.74 -2.24
N PRO A 41 12.93 -3.37 -1.50
CA PRO A 41 13.28 -4.77 -1.69
C PRO A 41 12.26 -5.75 -1.12
N ASP A 42 12.13 -6.87 -1.79
CA ASP A 42 11.24 -7.86 -1.26
C ASP A 42 12.08 -8.80 -0.38
N PHE A 43 11.75 -8.84 0.91
CA PHE A 43 12.59 -9.50 1.90
C PHE A 43 12.67 -11.03 1.68
N ARG A 44 11.65 -11.58 1.02
CA ARG A 44 11.56 -12.98 0.69
C ARG A 44 12.53 -13.38 -0.43
N SER A 45 13.08 -12.35 -1.08
CA SER A 45 13.84 -12.51 -2.33
C SER A 45 15.35 -12.28 -2.13
N PRO A 46 16.20 -13.25 -2.53
CA PRO A 46 17.66 -12.97 -2.42
C PRO A 46 18.06 -11.85 -3.37
N GLY A 47 19.19 -11.21 -3.11
CA GLY A 47 19.60 -10.10 -3.93
C GLY A 47 19.82 -8.84 -3.11
N SER A 48 18.81 -8.42 -2.36
CA SER A 48 18.86 -7.17 -1.57
C SER A 48 19.74 -7.29 -0.34
N GLY A 49 20.13 -6.15 0.25
CA GLY A 49 20.89 -6.14 1.52
C GLY A 49 20.01 -6.29 2.77
N LEU A 50 18.69 -6.17 2.54
CA LEU A 50 17.68 -6.42 3.55
C LEU A 50 17.68 -7.93 3.79
N TYR A 51 17.60 -8.68 2.68
CA TYR A 51 17.63 -10.15 2.69
C TYR A 51 18.89 -10.73 3.35
N SER A 52 20.04 -10.12 3.06
CA SER A 52 21.31 -10.56 3.61
C SER A 52 21.34 -10.39 5.11
N ASN A 53 20.86 -9.23 5.56
CA ASN A 53 20.81 -8.90 6.97
C ASN A 53 19.82 -9.80 7.69
N LEU A 54 18.84 -10.28 6.94
CA LEU A 54 17.93 -11.26 7.52
C LEU A 54 18.53 -12.69 7.60
N GLN A 55 19.39 -13.06 6.66
CA GLN A 55 20.09 -14.34 6.69
C GLN A 55 20.71 -14.74 8.04
N GLN A 56 21.13 -13.78 8.86
CA GLN A 56 21.74 -14.08 10.16
C GLN A 56 20.77 -14.54 11.25
N TYR A 57 19.48 -14.30 11.07
CA TYR A 57 18.51 -14.76 12.07
C TYR A 57 17.97 -16.13 11.74
N ASP A 58 18.24 -16.59 10.54
CA ASP A 58 17.81 -17.93 10.18
C ASP A 58 16.28 -18.11 10.37
N LEU A 59 15.46 -17.19 9.87
CA LEU A 59 14.00 -17.31 9.99
C LEU A 59 13.59 -18.69 9.56
N PRO A 60 12.60 -19.29 10.24
CA PRO A 60 12.11 -20.57 9.71
C PRO A 60 11.43 -20.34 8.38
N TYR A 61 10.81 -19.19 8.17
CA TYR A 61 10.21 -18.83 6.88
C TYR A 61 10.03 -17.33 7.01
N PRO A 62 10.03 -16.60 5.90
CA PRO A 62 10.00 -15.15 6.01
C PRO A 62 8.76 -14.52 6.68
N GLU A 63 7.57 -15.07 6.49
CA GLU A 63 6.40 -14.47 7.13
C GLU A 63 6.48 -14.43 8.68
N ALA A 64 7.46 -15.08 9.27
CA ALA A 64 7.63 -15.08 10.71
C ALA A 64 7.81 -13.63 11.18
N ILE A 65 8.30 -12.80 10.26
CA ILE A 65 8.58 -11.40 10.57
C ILE A 65 7.31 -10.74 11.03
N PHE A 66 6.17 -11.23 10.54
CA PHE A 66 4.88 -10.65 10.90
C PHE A 66 4.01 -11.51 11.81
N GLU A 67 4.62 -12.44 12.53
CA GLU A 67 3.88 -13.23 13.53
C GLU A 67 4.29 -12.86 14.95
N LEU A 68 3.31 -12.58 15.78
CA LEU A 68 3.53 -12.29 17.19
C LEU A 68 4.35 -13.34 17.94
N PRO A 69 4.00 -14.62 17.79
CA PRO A 69 4.77 -15.55 18.63
C PRO A 69 6.27 -15.48 18.29
N PHE A 70 6.59 -15.39 17.02
CA PHE A 70 8.00 -15.20 16.65
C PHE A 70 8.61 -13.83 17.04
N PHE A 71 7.81 -12.78 16.95
CA PHE A 71 8.22 -11.45 17.38
C PHE A 71 8.63 -11.43 18.85
N PHE A 72 7.86 -12.05 19.72
CA PHE A 72 8.19 -11.96 21.17
C PHE A 72 9.34 -12.89 21.51
N HIS A 73 9.55 -13.91 20.69
CA HIS A 73 10.72 -14.77 20.81
C HIS A 73 11.99 -14.04 20.37
N ASN A 74 11.88 -13.24 19.32
CA ASN A 74 13.01 -12.48 18.80
C ASN A 74 12.54 -11.30 17.96
N PRO A 75 12.57 -10.11 18.55
CA PRO A 75 12.04 -8.91 17.89
C PRO A 75 12.98 -8.29 16.86
N LYS A 76 14.22 -8.75 16.81
CA LYS A 76 15.20 -8.19 15.87
C LYS A 76 14.97 -8.47 14.38
N PRO A 77 14.57 -9.70 14.00
CA PRO A 77 14.26 -9.83 12.58
C PRO A 77 13.32 -8.70 12.09
N PHE A 78 12.22 -8.49 12.80
CA PHE A 78 11.24 -7.50 12.39
C PHE A 78 11.82 -6.08 12.37
N PHE A 79 12.57 -5.73 13.41
CA PHE A 79 13.21 -4.41 13.54
C PHE A 79 14.30 -4.09 12.51
N THR A 80 14.97 -5.12 11.96
CA THR A 80 15.80 -4.99 10.78
C THR A 80 14.97 -4.44 9.59
N LEU A 81 13.83 -5.08 9.34
CA LEU A 81 12.86 -4.57 8.37
C LEU A 81 12.41 -3.13 8.65
N ALA A 82 12.14 -2.81 9.90
CA ALA A 82 11.66 -1.49 10.16
C ALA A 82 12.76 -0.47 9.90
N LYS A 83 13.99 -0.84 10.17
CA LYS A 83 15.05 0.11 9.96
C LYS A 83 15.10 0.38 8.46
N GLU A 84 14.97 -0.67 7.68
CA GLU A 84 14.97 -0.54 6.24
C GLU A 84 13.82 0.40 5.76
N LEU A 85 12.59 0.22 6.26
CA LEU A 85 11.42 0.91 5.74
C LEU A 85 11.02 2.21 6.43
N TYR A 86 11.76 2.66 7.42
CA TYR A 86 11.32 3.78 8.28
C TYR A 86 11.29 5.06 7.45
N PRO A 87 10.35 6.02 7.79
CA PRO A 87 10.11 7.22 6.96
C PRO A 87 11.44 7.84 6.68
N GLY A 88 11.61 8.34 5.46
CA GLY A 88 12.82 9.06 5.04
C GLY A 88 13.78 8.31 4.12
N ASN A 89 13.67 6.99 4.05
CA ASN A 89 14.66 6.19 3.35
C ASN A 89 14.37 6.00 1.87
N TYR A 90 13.08 5.98 1.49
CA TYR A 90 12.67 5.65 0.15
C TYR A 90 11.77 6.74 -0.33
N LYS A 91 11.61 6.91 -1.64
CA LYS A 91 10.72 7.94 -2.15
C LYS A 91 9.60 7.38 -2.93
N PRO A 92 8.51 8.15 -3.05
CA PRO A 92 7.41 7.67 -3.91
C PRO A 92 7.83 7.70 -5.36
N ASN A 93 7.26 6.77 -6.11
CA ASN A 93 7.45 6.62 -7.54
C ASN A 93 6.37 7.38 -8.29
N VAL A 94 6.39 7.29 -9.60
CA VAL A 94 5.38 7.94 -10.42
C VAL A 94 4.00 7.39 -10.08
N THR A 95 3.91 6.08 -9.82
CA THR A 95 2.61 5.47 -9.57
C THR A 95 1.96 6.14 -8.35
N HIS A 96 2.74 6.48 -7.30
CA HIS A 96 2.18 7.23 -6.16
C HIS A 96 1.69 8.62 -6.63
N TYR A 97 2.50 9.33 -7.40
CA TYR A 97 2.12 10.70 -7.72
C TYR A 97 0.98 10.67 -8.67
N PHE A 98 0.75 9.57 -9.34
CA PHE A 98 -0.40 9.56 -10.20
C PHE A 98 -1.66 9.55 -9.32
N LEU A 99 -1.65 8.74 -8.27
CA LEU A 99 -2.69 8.74 -7.26
C LEU A 99 -2.85 10.14 -6.64
N ARG A 100 -1.75 10.76 -6.29
CA ARG A 100 -1.82 12.13 -5.76
C ARG A 100 -2.53 13.09 -6.77
N LEU A 101 -2.09 13.05 -8.04
CA LEU A 101 -2.73 13.82 -9.12
C LEU A 101 -4.22 13.54 -9.19
N LEU A 102 -4.60 12.28 -9.04
CA LEU A 102 -5.98 11.84 -9.11
C LEU A 102 -6.75 12.44 -7.92
N HIS A 103 -6.05 12.65 -6.81
CA HIS A 103 -6.67 13.26 -5.66
C HIS A 103 -6.90 14.79 -5.84
N ASP A 104 -5.85 15.48 -6.30
CA ASP A 104 -5.88 16.90 -6.61
C ASP A 104 -6.79 17.29 -7.78
N LYS A 105 -7.30 16.33 -8.52
CA LYS A 105 -8.23 16.66 -9.57
C LYS A 105 -9.65 16.32 -9.13
N GLY A 106 -9.85 15.87 -7.87
CA GLY A 106 -11.19 15.68 -7.34
C GLY A 106 -11.75 14.28 -7.53
N LEU A 107 -10.92 13.34 -7.95
CA LEU A 107 -11.39 12.02 -8.33
C LEU A 107 -11.30 10.94 -7.23
N LEU A 108 -10.55 11.21 -6.16
CA LEU A 108 -10.28 10.16 -5.17
C LEU A 108 -11.33 10.11 -4.05
N LEU A 109 -12.17 9.11 -4.06
CA LEU A 109 -13.01 8.82 -2.93
C LEU A 109 -12.16 8.21 -1.76
N ARG A 110 -11.32 7.23 -2.05
CA ARG A 110 -10.51 6.60 -1.02
C ARG A 110 -9.40 5.74 -1.61
N LEU A 111 -8.21 5.85 -1.01
CA LEU A 111 -7.08 4.99 -1.35
C LEU A 111 -6.83 3.92 -0.27
N TYR A 112 -7.03 2.64 -0.62
CA TYR A 112 -6.75 1.54 0.30
C TYR A 112 -5.38 0.90 0.02
N THR A 113 -4.47 0.93 0.99
CA THR A 113 -3.17 0.38 0.70
C THR A 113 -2.86 -0.82 1.59
N GLN A 114 -2.18 -1.82 1.04
CA GLN A 114 -1.71 -2.96 1.84
C GLN A 114 -0.27 -2.75 2.18
N ASN A 115 0.33 -1.69 1.63
CA ASN A 115 1.77 -1.43 1.82
C ASN A 115 1.96 -0.76 3.15
N ILE A 116 3.15 -0.88 3.73
CA ILE A 116 3.44 -0.24 5.00
C ILE A 116 4.65 0.71 4.88
N ASP A 117 5.01 1.04 3.63
CA ASP A 117 6.23 1.81 3.37
C ASP A 117 5.90 3.27 3.55
N GLY A 118 4.63 3.63 3.59
CA GLY A 118 4.25 5.02 3.90
C GLY A 118 4.33 5.98 2.71
N LEU A 119 4.56 5.48 1.49
CA LEU A 119 4.84 6.41 0.39
C LEU A 119 3.61 7.17 -0.10
N GLU A 120 2.43 6.65 0.16
CA GLU A 120 1.24 7.42 -0.18
C GLU A 120 1.17 8.74 0.59
N ARG A 121 1.31 8.73 1.91
CA ARG A 121 1.30 10.02 2.58
C ARG A 121 2.51 10.88 2.24
N VAL A 122 3.67 10.27 1.99
CA VAL A 122 4.87 11.04 1.61
C VAL A 122 4.64 11.78 0.28
N SER A 123 3.93 11.15 -0.64
CA SER A 123 3.58 11.76 -1.90
C SER A 123 2.51 12.85 -1.72
N GLY A 124 1.97 13.05 -0.50
CA GLY A 124 1.14 14.21 -0.15
C GLY A 124 -0.37 14.01 -0.23
N ILE A 125 -0.80 12.77 -0.37
CA ILE A 125 -2.21 12.45 -0.33
C ILE A 125 -2.62 12.51 1.15
N PRO A 126 -3.68 13.27 1.50
CA PRO A 126 -4.08 13.49 2.91
C PRO A 126 -4.55 12.26 3.66
N ALA A 127 -4.23 12.18 4.95
CA ALA A 127 -4.61 11.05 5.80
C ALA A 127 -6.09 10.73 5.68
N SER A 128 -6.92 11.76 5.56
CA SER A 128 -8.38 11.50 5.48
C SER A 128 -8.80 10.68 4.22
N LYS A 129 -8.01 10.72 3.13
CA LYS A 129 -8.32 9.91 1.94
C LYS A 129 -7.66 8.53 1.92
N LEU A 130 -6.82 8.23 2.92
CA LEU A 130 -6.04 6.99 2.92
C LEU A 130 -6.60 6.04 3.91
N VAL A 131 -6.61 4.78 3.55
CA VAL A 131 -6.74 3.75 4.55
C VAL A 131 -5.52 2.83 4.53
N GLU A 132 -4.61 2.98 5.48
CA GLU A 132 -3.51 2.02 5.61
C GLU A 132 -3.95 0.67 6.22
N ALA A 133 -4.43 -0.24 5.38
CA ALA A 133 -5.07 -1.45 5.90
C ALA A 133 -4.13 -2.34 6.65
N HIS A 134 -2.80 -2.16 6.46
CA HIS A 134 -1.84 -3.00 7.17
C HIS A 134 -1.03 -2.20 8.19
N GLY A 135 -1.54 -1.02 8.56
CA GLY A 135 -0.89 -0.15 9.52
C GLY A 135 0.27 0.65 8.94
N THR A 136 1.13 1.13 9.84
CA THR A 136 1.99 2.25 9.62
C THR A 136 3.06 2.32 10.68
N PHE A 137 4.23 2.83 10.29
CA PHE A 137 5.35 3.14 11.17
C PHE A 137 5.24 4.54 11.79
N ALA A 138 4.18 5.27 11.48
CA ALA A 138 4.00 6.66 11.99
C ALA A 138 3.72 6.64 13.52
N SER A 139 3.36 5.47 14.03
CA SER A 139 3.05 5.39 15.46
C SER A 139 3.31 4.00 15.95
N ALA A 140 3.37 3.91 17.27
CA ALA A 140 3.67 2.66 17.94
C ALA A 140 2.92 2.51 19.27
N THR A 141 2.94 1.28 19.79
CA THR A 141 2.22 0.91 20.98
C THR A 141 3.11 0.02 21.84
N CYS A 142 3.17 0.29 23.13
CA CYS A 142 3.91 -0.62 24.02
C CYS A 142 3.14 -1.92 24.17
N THR A 143 3.83 -3.04 23.93
CA THR A 143 3.19 -4.36 23.87
C THR A 143 2.64 -4.84 25.20
N VAL A 144 3.12 -4.26 26.30
CA VAL A 144 2.63 -4.63 27.63
C VAL A 144 1.56 -3.68 28.21
N CYS A 145 1.78 -2.35 28.20
CA CYS A 145 0.85 -1.45 28.86
C CYS A 145 -0.01 -0.69 27.86
N GLN A 146 0.14 -1.02 26.58
CA GLN A 146 -0.67 -0.40 25.53
C GLN A 146 -0.56 1.12 25.55
N ARG A 147 0.65 1.62 25.77
CA ARG A 147 0.87 3.06 25.77
C ARG A 147 1.29 3.46 24.37
N PRO A 148 0.59 4.41 23.77
CA PRO A 148 0.89 4.82 22.37
C PRO A 148 2.01 5.87 22.25
N PHE A 149 2.82 5.81 21.19
CA PHE A 149 3.93 6.75 21.00
C PHE A 149 3.98 7.17 19.54
N PRO A 150 4.42 8.41 19.28
CA PRO A 150 4.60 8.75 17.86
C PRO A 150 5.77 7.91 17.31
N GLY A 151 5.80 7.67 15.99
CA GLY A 151 6.90 6.95 15.35
C GLY A 151 8.32 7.50 15.56
N GLU A 152 8.46 8.82 15.57
CA GLU A 152 9.77 9.38 15.77
C GLU A 152 10.32 9.16 17.17
N ASP A 153 9.47 8.78 18.14
CA ASP A 153 9.99 8.53 19.52
C ASP A 153 10.85 7.28 19.64
N ILE A 154 10.77 6.36 18.66
CA ILE A 154 11.54 5.12 18.75
C ILE A 154 12.53 5.00 17.64
N ARG A 155 12.60 6.04 16.85
CA ARG A 155 13.56 6.14 15.75
C ARG A 155 15.03 5.97 16.12
N ALA A 156 15.51 6.73 17.09
CA ALA A 156 16.90 6.57 17.51
C ALA A 156 17.14 5.10 17.80
N ASP A 157 16.26 4.49 18.58
CA ASP A 157 16.41 3.06 18.82
C ASP A 157 16.46 2.23 17.53
N VAL A 158 15.51 2.43 16.64
CA VAL A 158 15.52 1.60 15.40
C VAL A 158 16.74 1.83 14.47
N MET A 159 17.17 3.07 14.26
CA MET A 159 18.35 3.32 13.43
C MET A 159 19.64 2.76 14.03
N ALA A 160 19.74 2.77 15.37
CA ALA A 160 20.89 2.20 16.08
C ALA A 160 20.78 0.69 16.33
N ASP A 161 19.75 0.02 15.82
CA ASP A 161 19.59 -1.43 16.07
C ASP A 161 19.39 -1.75 17.58
N ARG A 162 18.73 -0.91 18.36
CA ARG A 162 18.31 -1.36 19.68
C ARG A 162 16.84 -1.60 19.60
N VAL A 163 16.37 -2.63 20.28
CA VAL A 163 14.94 -2.83 20.36
C VAL A 163 14.35 -1.71 21.23
N PRO A 164 13.32 -1.02 20.72
CA PRO A 164 12.72 0.07 21.52
C PRO A 164 11.94 -0.47 22.70
N ARG A 165 12.26 0.06 23.88
CA ARG A 165 11.62 -0.34 25.12
C ARG A 165 10.80 0.77 25.68
N CYS A 166 9.73 0.41 26.40
CA CYS A 166 8.82 1.39 26.97
C CYS A 166 9.45 2.22 28.13
N PRO A 167 9.30 3.56 28.09
CA PRO A 167 9.90 4.40 29.13
C PRO A 167 9.15 4.29 30.46
N VAL A 168 7.90 3.78 30.42
CA VAL A 168 7.14 3.62 31.66
C VAL A 168 7.21 2.18 32.25
N CYS A 169 7.02 1.14 31.41
CA CYS A 169 7.02 -0.24 31.94
C CYS A 169 8.15 -1.15 31.42
N THR A 170 9.02 -0.60 30.58
CA THR A 170 10.09 -1.37 29.87
C THR A 170 9.63 -2.45 28.86
N GLY A 171 8.36 -2.60 28.64
CA GLY A 171 7.97 -3.53 27.55
C GLY A 171 8.52 -3.08 26.20
N VAL A 172 8.50 -4.01 25.25
CA VAL A 172 8.93 -3.76 23.88
C VAL A 172 7.85 -2.97 23.17
N VAL A 173 8.26 -1.81 22.64
CA VAL A 173 7.35 -0.96 21.87
C VAL A 173 7.30 -1.43 20.42
N LYS A 174 6.11 -1.77 19.93
CA LYS A 174 5.99 -2.27 18.57
C LYS A 174 5.30 -1.25 17.68
N PRO A 175 5.84 -1.04 16.47
CA PRO A 175 5.15 -0.18 15.49
C PRO A 175 3.79 -0.74 15.20
N ASP A 176 2.82 0.15 14.94
CA ASP A 176 1.45 -0.24 14.71
C ASP A 176 1.28 -0.83 13.31
N ILE A 177 2.03 -1.88 13.03
CA ILE A 177 1.85 -2.72 11.84
C ILE A 177 0.99 -3.89 12.20
N VAL A 178 0.08 -4.27 11.31
CA VAL A 178 -0.79 -5.41 11.56
C VAL A 178 -0.01 -6.72 11.35
N PHE A 179 0.13 -7.53 12.39
CA PHE A 179 0.68 -8.90 12.22
C PHE A 179 -0.40 -9.90 11.84
N PHE A 180 0.00 -11.12 11.50
CA PHE A 180 -0.97 -12.17 11.15
C PHE A 180 -1.99 -12.42 12.23
N GLY A 181 -3.24 -12.61 11.80
CA GLY A 181 -4.34 -12.84 12.72
C GLY A 181 -4.79 -11.65 13.55
N GLU A 182 -4.16 -10.50 13.37
CA GLU A 182 -4.62 -9.33 14.06
C GLU A 182 -5.74 -8.71 13.23
N PRO A 183 -6.68 -8.00 13.86
CA PRO A 183 -7.72 -7.38 13.01
C PRO A 183 -7.16 -6.15 12.26
N LEU A 184 -7.70 -5.84 11.09
CA LEU A 184 -7.30 -4.60 10.45
C LEU A 184 -7.69 -3.37 11.31
N PRO A 185 -7.03 -2.22 11.10
CA PRO A 185 -7.41 -1.01 11.85
C PRO A 185 -8.84 -0.55 11.64
N GLN A 186 -9.35 0.27 12.55
CA GLN A 186 -10.77 0.63 12.51
C GLN A 186 -11.19 1.36 11.23
N ARG A 187 -10.37 2.26 10.74
CA ARG A 187 -10.65 2.96 9.47
C ARG A 187 -10.92 2.00 8.32
N PHE A 188 -10.52 0.75 8.47
CA PHE A 188 -10.86 -0.20 7.43
C PHE A 188 -12.38 -0.32 7.30
N LEU A 189 -13.13 0.06 8.35
CA LEU A 189 -14.61 -0.02 8.26
C LEU A 189 -15.24 0.96 7.23
N LEU A 190 -14.51 2.00 6.84
CA LEU A 190 -14.97 2.84 5.71
C LEU A 190 -15.35 2.07 4.44
N HIS A 191 -14.93 0.82 4.28
CA HIS A 191 -15.20 0.18 3.03
C HIS A 191 -16.72 0.02 2.86
N VAL A 192 -17.44 0.11 3.98
CA VAL A 192 -18.86 -0.19 3.99
C VAL A 192 -19.65 0.94 3.32
N VAL A 193 -19.26 2.18 3.59
CA VAL A 193 -19.79 3.30 2.87
C VAL A 193 -19.10 3.44 1.49
N ASP A 194 -17.77 3.28 1.46
CA ASP A 194 -16.95 3.61 0.29
C ASP A 194 -17.20 2.78 -0.95
N PHE A 195 -17.42 1.50 -0.80
CA PHE A 195 -17.49 0.60 -1.94
C PHE A 195 -18.85 0.56 -2.65
N PRO A 196 -19.97 0.71 -1.91
CA PRO A 196 -21.23 0.92 -2.62
C PRO A 196 -21.29 2.29 -3.28
N MET A 197 -20.42 3.21 -2.87
CA MET A 197 -20.49 4.57 -3.42
C MET A 197 -19.56 4.78 -4.62
N ALA A 198 -18.78 3.77 -4.96
CA ALA A 198 -17.75 4.01 -5.93
C ALA A 198 -18.33 3.94 -7.31
N ASP A 199 -17.89 4.80 -8.21
CA ASP A 199 -18.29 4.65 -9.60
C ASP A 199 -17.19 4.06 -10.46
N LEU A 200 -15.95 4.07 -9.97
CA LEU A 200 -14.84 3.36 -10.66
C LEU A 200 -13.94 2.61 -9.64
N LEU A 201 -13.48 1.40 -9.92
CA LEU A 201 -12.56 0.76 -9.01
C LEU A 201 -11.20 0.54 -9.69
N LEU A 202 -10.15 1.06 -9.07
CA LEU A 202 -8.81 0.93 -9.60
C LEU A 202 -7.95 0.03 -8.72
N ILE A 203 -7.37 -1.00 -9.33
CA ILE A 203 -6.52 -2.00 -8.65
C ILE A 203 -5.11 -2.03 -9.25
N LEU A 204 -4.12 -1.84 -8.39
CA LEU A 204 -2.77 -1.57 -8.84
C LEU A 204 -1.74 -2.34 -8.04
N GLY A 205 -0.98 -3.18 -8.76
CA GLY A 205 0.22 -3.79 -8.21
C GLY A 205 -0.02 -4.67 -7.03
N THR A 206 -1.04 -5.50 -7.14
CA THR A 206 -1.36 -6.44 -6.09
C THR A 206 -1.75 -7.80 -6.64
N SER A 207 -1.66 -8.80 -5.77
CA SER A 207 -1.93 -10.15 -6.15
C SER A 207 -3.17 -10.65 -5.45
N LEU A 208 -3.79 -9.83 -4.61
CA LEU A 208 -5.08 -10.19 -4.00
C LEU A 208 -5.01 -11.57 -3.34
N GLU A 209 -4.07 -11.69 -2.40
CA GLU A 209 -3.88 -12.95 -1.66
C GLU A 209 -3.97 -12.73 -0.14
N VAL A 210 -4.50 -11.60 0.30
CA VAL A 210 -4.51 -11.30 1.75
C VAL A 210 -5.87 -10.73 2.23
N GLU A 211 -6.59 -11.53 3.03
CA GLU A 211 -7.94 -11.18 3.46
C GLU A 211 -7.95 -10.28 4.69
N PRO A 212 -9.02 -9.51 4.87
CA PRO A 212 -10.22 -9.55 4.02
C PRO A 212 -10.12 -8.57 2.87
N PHE A 213 -8.96 -7.96 2.70
CA PHE A 213 -8.75 -6.97 1.68
C PHE A 213 -9.01 -7.58 0.30
N ALA A 214 -8.58 -8.82 0.09
CA ALA A 214 -8.82 -9.42 -1.22
C ALA A 214 -10.28 -9.33 -1.68
N SER A 215 -11.21 -9.87 -0.91
CA SER A 215 -12.61 -9.93 -1.37
C SER A 215 -13.32 -8.57 -1.55
N LEU A 216 -12.66 -7.49 -1.14
CA LEU A 216 -13.13 -6.12 -1.40
C LEU A 216 -13.46 -5.82 -2.89
N THR A 217 -12.70 -6.40 -3.83
CA THR A 217 -12.96 -6.23 -5.29
C THR A 217 -14.40 -6.61 -5.63
N GLU A 218 -15.07 -7.28 -4.69
CA GLU A 218 -16.38 -7.85 -4.93
C GLU A 218 -17.50 -6.95 -4.41
N ALA A 219 -17.16 -5.96 -3.59
CA ALA A 219 -18.17 -5.12 -2.98
C ALA A 219 -18.61 -3.87 -3.82
N VAL A 220 -18.21 -3.78 -5.09
CA VAL A 220 -18.76 -2.70 -5.91
C VAL A 220 -19.97 -3.17 -6.70
N ARG A 221 -20.89 -2.24 -6.91
CA ARG A 221 -22.04 -2.47 -7.75
C ARG A 221 -21.59 -3.06 -9.08
N SER A 222 -22.38 -4.01 -9.59
CA SER A 222 -22.04 -4.75 -10.81
C SER A 222 -21.77 -3.91 -12.09
N SER A 223 -22.30 -2.70 -12.17
CA SER A 223 -22.04 -1.90 -13.35
C SER A 223 -20.80 -1.05 -13.14
N VAL A 224 -20.09 -1.26 -12.03
CA VAL A 224 -18.88 -0.47 -11.75
C VAL A 224 -17.66 -1.14 -12.41
N PRO A 225 -17.02 -0.46 -13.39
CA PRO A 225 -15.87 -1.05 -14.09
C PRO A 225 -14.73 -1.27 -13.11
N ARG A 226 -14.04 -2.40 -13.19
CA ARG A 226 -12.92 -2.66 -12.29
C ARG A 226 -11.69 -2.77 -13.14
N LEU A 227 -10.80 -1.80 -13.01
CA LEU A 227 -9.59 -1.75 -13.83
C LEU A 227 -8.39 -2.25 -13.04
N LEU A 228 -7.72 -3.27 -13.57
CA LEU A 228 -6.54 -3.87 -12.94
C LEU A 228 -5.29 -3.51 -13.73
N ILE A 229 -4.31 -2.90 -13.07
CA ILE A 229 -3.00 -2.73 -13.66
C ILE A 229 -2.05 -3.52 -12.80
N ASN A 230 -1.63 -4.66 -13.35
CA ASN A 230 -0.87 -5.65 -12.57
C ASN A 230 -0.16 -6.59 -13.53
N ARG A 231 0.83 -7.32 -13.00
CA ARG A 231 1.66 -8.25 -13.78
C ARG A 231 0.78 -9.32 -14.40
N ASP A 232 -0.12 -9.91 -13.60
CA ASP A 232 -1.07 -10.86 -14.13
C ASP A 232 -2.50 -10.67 -13.62
N LEU A 233 -3.41 -11.42 -14.26
CA LEU A 233 -4.80 -11.57 -13.82
C LEU A 233 -4.83 -12.44 -12.55
N VAL A 234 -5.58 -12.03 -11.52
CA VAL A 234 -5.51 -12.77 -10.25
C VAL A 234 -6.65 -12.55 -9.25
N GLY A 235 -6.77 -13.46 -8.28
CA GLY A 235 -7.79 -13.34 -7.25
C GLY A 235 -9.16 -13.22 -7.86
N PRO A 236 -10.08 -12.56 -7.16
CA PRO A 236 -11.48 -12.45 -7.59
C PRO A 236 -11.64 -12.19 -9.08
N LEU A 237 -10.83 -11.27 -9.61
CA LEU A 237 -11.01 -10.83 -10.98
C LEU A 237 -10.66 -11.90 -12.01
N ALA A 238 -9.75 -12.81 -11.68
CA ALA A 238 -9.42 -13.89 -12.61
C ALA A 238 -10.52 -14.96 -12.60
N TRP A 239 -11.05 -15.25 -11.42
CA TRP A 239 -11.99 -16.35 -11.35
C TRP A 239 -13.48 -15.99 -11.10
N HIS A 240 -13.83 -14.72 -10.94
CA HIS A 240 -15.24 -14.33 -11.03
C HIS A 240 -15.38 -13.09 -11.92
N PRO A 241 -14.91 -13.18 -13.18
CA PRO A 241 -14.96 -12.09 -14.15
C PRO A 241 -16.32 -11.43 -14.26
N ARG A 242 -16.39 -10.10 -14.19
CA ARG A 242 -17.60 -9.32 -14.57
C ARG A 242 -17.28 -8.69 -15.90
N SER A 243 -18.28 -8.30 -16.68
CA SER A 243 -18.01 -7.84 -18.04
C SER A 243 -17.70 -6.34 -18.22
N ARG A 244 -17.59 -5.62 -17.09
CA ARG A 244 -16.98 -4.28 -17.05
C ARG A 244 -15.56 -4.33 -16.49
N ASP A 245 -14.96 -5.52 -16.48
CA ASP A 245 -13.60 -5.71 -15.96
C ASP A 245 -12.60 -5.31 -17.05
N VAL A 246 -11.43 -4.82 -16.65
CA VAL A 246 -10.42 -4.42 -17.63
C VAL A 246 -9.08 -4.76 -17.02
N ALA A 247 -8.20 -5.30 -17.85
CA ALA A 247 -6.91 -5.70 -17.34
C ALA A 247 -5.79 -5.16 -18.21
N GLN A 248 -5.01 -4.22 -17.67
CA GLN A 248 -3.76 -3.79 -18.28
C GLN A 248 -2.67 -4.60 -17.63
N LEU A 249 -2.23 -5.62 -18.35
CA LEU A 249 -1.21 -6.52 -17.88
C LEU A 249 0.17 -6.10 -18.32
N GLY A 250 1.12 -6.09 -17.41
CA GLY A 250 2.43 -5.69 -17.77
C GLY A 250 3.04 -5.02 -16.59
N ASP A 251 4.08 -4.27 -16.83
CA ASP A 251 4.78 -3.57 -15.80
C ASP A 251 3.78 -2.50 -15.28
N VAL A 252 3.66 -2.35 -13.96
CA VAL A 252 2.67 -1.43 -13.39
C VAL A 252 2.92 0.02 -13.84
N VAL A 253 4.16 0.48 -13.72
CA VAL A 253 4.55 1.80 -14.20
C VAL A 253 4.27 2.06 -15.67
N HIS A 254 4.48 1.09 -16.54
CA HIS A 254 4.14 1.37 -17.93
C HIS A 254 2.61 1.35 -18.09
N GLY A 255 1.89 0.63 -17.24
CA GLY A 255 0.42 0.65 -17.31
C GLY A 255 -0.10 2.02 -16.89
N VAL A 256 0.52 2.55 -15.84
CA VAL A 256 0.11 3.86 -15.28
C VAL A 256 0.48 4.97 -16.28
N GLU A 257 1.65 4.87 -16.87
CA GLU A 257 2.07 5.89 -17.86
C GLU A 257 1.16 5.94 -19.05
N SER A 258 0.68 4.78 -19.48
CA SER A 258 -0.26 4.80 -20.60
C SER A 258 -1.57 5.37 -20.17
N LEU A 259 -2.04 5.00 -18.98
CA LEU A 259 -3.32 5.54 -18.53
C LEU A 259 -3.17 7.06 -18.41
N VAL A 260 -2.09 7.50 -17.75
CA VAL A 260 -1.88 8.93 -17.56
C VAL A 260 -1.95 9.71 -18.86
N GLU A 261 -1.21 9.28 -19.89
CA GLU A 261 -1.30 9.83 -21.25
C GLU A 261 -2.72 9.79 -21.88
N LEU A 262 -3.41 8.65 -21.84
CA LEU A 262 -4.80 8.59 -22.32
C LEU A 262 -5.66 9.61 -21.56
N LEU A 263 -5.41 9.78 -20.25
CA LEU A 263 -6.13 10.76 -19.45
C LEU A 263 -5.86 12.19 -19.87
N GLY A 264 -4.84 12.40 -20.67
CA GLY A 264 -4.33 13.75 -20.99
C GLY A 264 -3.47 14.43 -19.92
N TRP A 265 -2.89 13.70 -18.95
CA TRP A 265 -2.19 14.35 -17.84
C TRP A 265 -0.68 14.36 -17.85
N THR A 266 -0.05 13.86 -18.91
CA THR A 266 1.39 13.69 -18.92
C THR A 266 2.17 14.87 -18.40
N GLU A 267 2.11 16.05 -19.05
CA GLU A 267 2.97 17.21 -18.66
C GLU A 267 2.75 17.69 -17.25
N GLU A 268 1.51 17.63 -16.82
CA GLU A 268 1.16 18.09 -15.51
C GLU A 268 1.75 17.10 -14.46
N MET A 269 1.71 15.82 -14.78
CA MET A 269 2.36 14.80 -14.01
C MET A 269 3.87 14.94 -13.94
N ARG A 270 4.52 15.04 -15.08
CA ARG A 270 5.96 15.33 -14.99
C ARG A 270 6.28 16.54 -14.13
N ASP A 271 5.53 17.61 -14.30
CA ASP A 271 5.86 18.79 -13.56
C ASP A 271 5.59 18.59 -12.06
N LEU A 272 4.49 17.94 -11.73
CA LEU A 272 4.22 17.58 -10.34
C LEU A 272 5.34 16.74 -9.69
N VAL A 273 5.83 15.74 -10.42
CA VAL A 273 6.88 14.83 -9.89
C VAL A 273 8.24 15.53 -9.73
N GLN A 274 8.67 16.28 -10.75
CA GLN A 274 9.87 17.12 -10.59
C GLN A 274 9.83 17.96 -9.33
N ARG A 275 8.78 18.76 -9.17
CA ARG A 275 8.66 19.53 -7.95
C ARG A 275 8.75 18.57 -6.78
N GLU A 276 7.88 17.59 -6.72
CA GLU A 276 7.73 16.81 -5.52
C GLU A 276 8.91 15.97 -5.10
N THR A 277 9.47 15.27 -6.07
CA THR A 277 10.55 14.31 -5.89
C THR A 277 11.77 15.17 -5.73
N GLY A 278 11.52 16.47 -5.70
CA GLY A 278 12.59 17.44 -5.59
C GLY A 278 13.39 17.19 -4.34
N LYS A 279 12.78 16.82 -3.21
CA LYS A 279 13.66 16.51 -2.10
C LYS A 279 14.43 15.17 -2.14
N LEU A 280 15.56 15.21 -2.82
CA LEU A 280 16.34 14.06 -3.20
C LEU A 280 17.79 14.48 -3.09
N LYS B 5 -6.33 -10.23 9.67
CA LYS B 5 -5.29 -10.35 8.63
C LYS B 5 -4.83 -11.78 8.55
N VAL B 6 -5.20 -12.45 7.45
CA VAL B 6 -5.03 -13.90 7.25
C VAL B 6 -4.49 -14.20 5.84
N MET B 7 -3.32 -14.84 5.76
CA MET B 7 -2.63 -15.16 4.47
C MET B 7 -3.13 -16.43 3.81
S SO4 C . 8.09 11.98 -24.18
O1 SO4 C . 7.98 10.80 -23.30
O2 SO4 C . 7.78 11.71 -25.58
O3 SO4 C . 7.14 13.00 -23.69
O4 SO4 C . 9.48 12.43 -24.17
S SO4 D . 0.48 -7.82 -1.46
O1 SO4 D . 1.91 -8.04 -1.30
O2 SO4 D . 0.03 -8.56 -2.64
O3 SO4 D . -0.25 -8.26 -0.27
O4 SO4 D . 0.26 -6.39 -1.68
ZN ZN E . 4.81 0.10 28.53
#